data_4L2F
#
_entry.id   4L2F
#
_cell.length_a   91.350
_cell.length_b   98.240
_cell.length_c   119.490
_cell.angle_alpha   90.00
_cell.angle_beta   90.00
_cell.angle_gamma   90.00
#
_symmetry.space_group_name_H-M   'C 2 2 21'
#
loop_
_entity.id
_entity.type
_entity.pdbx_description
1 polymer Tankyrase-2
2 polymer Tankyrase-2
3 non-polymer 6-chloro-2-phenyl-4H-chromen-4-one
4 non-polymer 'ZINC ION'
5 non-polymer 'SULFATE ION'
6 non-polymer GLYCEROL
7 water water
#
loop_
_entity_poly.entity_id
_entity_poly.type
_entity_poly.pdbx_seq_one_letter_code
_entity_poly.pdbx_strand_id
1 'polypeptide(L)'
;MHHHHHHSSGVDLGTENLYFQSMLNTSGSGTILIDLSPDDKEFQSVEEEMQSTVREHRDGGHAGGIFNRYNILKIQKVCN
KKLWERYTHRRKEVSEENHNHANERMLFHGSPFVNAIIHKGFDERHAYIGGMFGAGIYFAENSSKSNQYVYGIGGGTGCP
VHKDRSCYICHRQLLFCRVTLGKSFLQFSAM
;
A,B
2 'polypeptide(L)' KMAHSPPGHHSVTGRPSVNGLALAEYVIYRGEQAYPEYLITYQIMRPEG C,D
#
loop_
_chem_comp.id
_chem_comp.type
_chem_comp.name
_chem_comp.formula
1V3 non-polymer 6-chloro-2-phenyl-4H-chromen-4-one 'C15 H9 Cl O2'
GOL non-polymer GLYCEROL 'C3 H8 O3'
SO4 non-polymer 'SULFATE ION' 'O4 S -2'
ZN non-polymer 'ZINC ION' 'Zn 2'
#
# COMPACT_ATOMS: atom_id res chain seq x y z
N GLY A 30 32.92 -15.01 -11.81
CA GLY A 30 33.55 -14.11 -12.79
C GLY A 30 33.27 -12.64 -12.45
N THR A 31 32.72 -12.32 -11.28
CA THR A 31 32.43 -10.90 -11.03
C THR A 31 33.64 -10.19 -10.46
N ILE A 32 33.95 -9.01 -11.01
CA ILE A 32 34.88 -8.11 -10.35
C ILE A 32 34.24 -6.75 -10.13
N LEU A 33 34.66 -6.08 -9.05
CA LEU A 33 34.14 -4.78 -8.63
C LEU A 33 35.26 -3.74 -8.79
N ILE A 34 34.98 -2.69 -9.54
CA ILE A 34 35.96 -1.63 -9.78
C ILE A 34 35.45 -0.36 -9.08
N ASP A 35 36.28 0.18 -8.20
CA ASP A 35 35.98 1.39 -7.48
C ASP A 35 35.98 2.55 -8.40
N LEU A 36 35.08 3.50 -8.21
CA LEU A 36 35.09 4.70 -9.00
C LEU A 36 35.66 5.78 -8.14
N SER A 37 36.46 6.64 -8.75
CA SER A 37 37.00 7.80 -8.05
C SER A 37 35.85 8.80 -7.90
N PRO A 38 35.78 9.50 -6.76
CA PRO A 38 34.79 10.56 -6.57
C PRO A 38 34.96 11.70 -7.55
N ASP A 39 36.15 11.83 -8.12
CA ASP A 39 36.41 12.75 -9.23
C ASP A 39 35.85 12.31 -10.55
N ASP A 40 35.53 11.03 -10.72
CA ASP A 40 35.00 10.50 -12.01
C ASP A 40 33.58 11.01 -12.24
N LYS A 41 33.31 11.53 -13.45
CA LYS A 41 31.98 11.98 -13.83
C LYS A 41 30.86 10.93 -13.61
N GLU A 42 31.22 9.65 -13.75
CA GLU A 42 30.29 8.52 -13.56
C GLU A 42 29.94 8.33 -12.07
N PHE A 43 30.93 8.50 -11.20
CA PHE A 43 30.67 8.54 -9.77
C PHE A 43 29.71 9.67 -9.47
N GLN A 44 29.97 10.82 -10.05
CA GLN A 44 29.19 11.99 -9.70
C GLN A 44 27.74 11.91 -10.19
N SER A 45 27.51 11.38 -11.38
CA SER A 45 26.13 11.27 -11.90
C SER A 45 25.32 10.20 -11.13
N VAL A 46 25.96 9.10 -10.74
CA VAL A 46 25.34 8.06 -9.91
C VAL A 46 25.02 8.61 -8.53
N GLU A 47 25.93 9.37 -7.90
CA GLU A 47 25.64 9.93 -6.58
C GLU A 47 24.46 10.90 -6.66
N GLU A 48 24.45 11.73 -7.70
CA GLU A 48 23.36 12.71 -7.86
C GLU A 48 21.99 12.03 -8.02
N GLU A 49 21.93 10.90 -8.71
CA GLU A 49 20.67 10.19 -8.88
C GLU A 49 20.25 9.58 -7.53
N MET A 50 21.22 9.08 -6.79
CA MET A 50 20.95 8.60 -5.43
C MET A 50 20.38 9.70 -4.51
N GLN A 51 21.05 10.85 -4.44
CA GLN A 51 20.70 11.90 -3.48
C GLN A 51 19.38 12.62 -3.86
N SER A 52 19.16 12.82 -5.13
CA SER A 52 18.09 13.67 -5.57
C SER A 52 16.77 12.92 -5.66
N THR A 53 16.77 11.59 -5.49
CA THR A 53 15.55 10.79 -5.53
C THR A 53 15.13 10.34 -4.14
N VAL A 54 15.72 10.95 -3.11
CA VAL A 54 15.21 10.81 -1.74
C VAL A 54 13.87 11.55 -1.58
N ARG A 55 12.91 10.90 -0.92
CA ARG A 55 11.67 11.55 -0.55
C ARG A 55 11.28 11.11 0.85
N GLU A 56 10.32 11.82 1.42
CA GLU A 56 9.66 11.38 2.65
C GLU A 56 8.67 10.24 2.35
N HIS A 57 8.53 9.32 3.29
CA HIS A 57 7.71 8.13 3.11
C HIS A 57 6.56 8.16 4.07
N ARG A 58 5.50 7.44 3.71
CA ARG A 58 4.25 7.55 4.44
C ARG A 58 4.32 6.86 5.79
N ASP A 59 5.35 6.03 5.99
CA ASP A 59 5.58 5.43 7.28
C ASP A 59 6.35 6.29 8.29
N GLY A 60 6.66 7.54 7.92
CA GLY A 60 7.38 8.46 8.81
C GLY A 60 8.82 8.01 9.07
N GLY A 61 9.33 7.07 8.25
CA GLY A 61 10.67 6.50 8.42
C GLY A 61 10.77 5.13 9.09
N HIS A 62 9.64 4.53 9.44
CA HIS A 62 9.64 3.26 10.17
C HIS A 62 10.48 2.19 9.47
N ALA A 63 10.29 2.04 8.14
CA ALA A 63 10.91 0.90 7.45
C ALA A 63 12.37 1.16 7.13
N GLY A 64 12.67 2.39 6.71
CA GLY A 64 13.96 2.72 6.13
C GLY A 64 14.79 3.68 6.94
N GLY A 65 14.20 4.31 7.95
CA GLY A 65 14.89 5.31 8.78
C GLY A 65 14.53 6.73 8.42
N ILE A 66 14.97 7.67 9.24
CA ILE A 66 14.68 9.10 9.09
C ILE A 66 15.93 9.79 8.56
N PHE A 67 15.83 10.35 7.35
CA PHE A 67 16.97 10.99 6.71
C PHE A 67 16.46 11.78 5.50
N ASN A 68 17.20 12.82 5.13
CA ASN A 68 16.96 13.54 3.89
C ASN A 68 18.02 13.33 2.85
N ARG A 69 19.14 12.72 3.26
CA ARG A 69 20.25 12.50 2.35
C ARG A 69 21.18 11.43 2.88
N TYR A 70 22.10 10.99 2.03
CA TYR A 70 23.04 9.96 2.37
C TYR A 70 24.48 10.44 2.45
N ASN A 71 25.30 9.67 3.15
CA ASN A 71 26.75 9.78 3.06
C ASN A 71 27.24 8.64 2.20
N ILE A 72 27.66 8.95 0.99
CA ILE A 72 28.09 7.94 0.04
C ILE A 72 29.54 7.58 0.38
N LEU A 73 29.78 6.29 0.62
CA LEU A 73 31.05 5.81 1.06
C LEU A 73 31.84 5.21 -0.09
N LYS A 74 31.17 4.60 -1.07
CA LYS A 74 31.88 4.00 -2.18
C LYS A 74 30.88 3.71 -3.28
N ILE A 75 31.34 3.83 -4.53
CA ILE A 75 30.56 3.38 -5.66
C ILE A 75 31.42 2.46 -6.49
N GLN A 76 30.96 1.23 -6.74
CA GLN A 76 31.70 0.26 -7.54
C GLN A 76 30.93 -0.14 -8.77
N LYS A 77 31.64 -0.29 -9.88
CA LYS A 77 31.11 -0.78 -11.12
C LYS A 77 31.20 -2.32 -11.06
N VAL A 78 30.10 -2.98 -11.40
CA VAL A 78 29.99 -4.42 -11.31
C VAL A 78 30.25 -4.99 -12.70
N CYS A 79 31.28 -5.79 -12.88
CA CYS A 79 31.62 -6.33 -14.21
C CYS A 79 31.59 -7.84 -14.17
N ASN A 80 30.68 -8.39 -14.97
CA ASN A 80 30.59 -9.81 -15.18
C ASN A 80 30.09 -10.07 -16.59
N LYS A 81 31.00 -10.62 -17.39
CA LYS A 81 30.80 -10.82 -18.81
C LYS A 81 29.58 -11.67 -19.08
N LYS A 82 29.54 -12.80 -18.41
CA LYS A 82 28.47 -13.75 -18.59
C LYS A 82 27.09 -13.16 -18.22
N LEU A 83 27.00 -12.46 -17.09
CA LEU A 83 25.73 -11.85 -16.68
C LEU A 83 25.31 -10.74 -17.62
N TRP A 84 26.30 -10.01 -18.16
CA TRP A 84 26.00 -8.92 -19.09
C TRP A 84 25.45 -9.44 -20.41
N GLU A 85 26.06 -10.51 -20.93
CA GLU A 85 25.59 -11.14 -22.16
C GLU A 85 24.22 -11.77 -21.96
N ARG A 86 23.98 -12.33 -20.78
CA ARG A 86 22.67 -12.82 -20.42
C ARG A 86 21.64 -11.65 -20.50
N TYR A 87 21.98 -10.51 -19.90
CA TYR A 87 21.12 -9.28 -20.04
C TYR A 87 20.90 -8.82 -21.50
N THR A 88 21.96 -8.63 -22.27
CA THR A 88 21.84 -8.12 -23.64
C THR A 88 21.11 -9.08 -24.58
N HIS A 89 21.28 -10.40 -24.36
CA HIS A 89 20.49 -11.37 -25.13
C HIS A 89 18.97 -11.16 -24.95
N ARG A 90 18.57 -11.03 -23.69
CA ARG A 90 17.15 -10.87 -23.35
C ARG A 90 16.64 -9.48 -23.82
N ARG A 91 17.51 -8.49 -23.68
CA ARG A 91 17.17 -7.12 -24.09
C ARG A 91 16.79 -7.09 -25.57
N LYS A 92 17.58 -7.79 -26.40
CA LYS A 92 17.30 -7.86 -27.83
C LYS A 92 16.00 -8.64 -28.12
N GLU A 93 15.73 -9.72 -27.38
CA GLU A 93 14.46 -10.40 -27.56
C GLU A 93 13.27 -9.43 -27.32
N VAL A 94 13.34 -8.68 -26.21
CA VAL A 94 12.27 -7.78 -25.84
C VAL A 94 12.13 -6.69 -26.90
N SER A 95 13.24 -6.13 -27.31
CA SER A 95 13.25 -5.07 -28.27
C SER A 95 12.57 -5.48 -29.60
N GLU A 96 12.87 -6.68 -30.09
CA GLU A 96 12.28 -7.13 -31.34
C GLU A 96 10.81 -7.47 -31.20
N GLU A 97 10.33 -7.70 -29.97
CA GLU A 97 8.90 -7.82 -29.66
C GLU A 97 8.18 -6.43 -29.45
N ASN A 98 8.92 -5.31 -29.54
CA ASN A 98 8.37 -3.97 -29.16
C ASN A 98 8.94 -2.89 -30.07
N HIS A 99 8.79 -3.13 -31.37
CA HIS A 99 9.27 -2.20 -32.42
C HIS A 99 10.65 -1.61 -32.12
N ASN A 100 11.58 -2.49 -31.86
CA ASN A 100 12.99 -2.13 -31.59
C ASN A 100 13.21 -1.14 -30.46
N HIS A 101 12.41 -1.26 -29.40
CA HIS A 101 12.48 -0.40 -28.26
C HIS A 101 12.53 -1.23 -26.98
N ALA A 102 13.71 -1.32 -26.35
CA ALA A 102 13.90 -2.08 -25.10
C ALA A 102 13.23 -1.43 -23.90
N ASN A 103 13.05 -0.11 -24.00
CA ASN A 103 12.50 0.73 -22.92
C ASN A 103 13.33 0.51 -21.65
N GLU A 104 14.64 0.75 -21.81
CA GLU A 104 15.60 0.53 -20.77
C GLU A 104 15.68 1.68 -19.79
N ARG A 105 15.66 1.35 -18.50
CA ARG A 105 15.77 2.35 -17.46
C ARG A 105 16.94 2.05 -16.51
N MET A 106 17.38 3.06 -15.76
CA MET A 106 18.27 2.82 -14.63
C MET A 106 17.51 3.01 -13.35
N LEU A 107 17.47 1.97 -12.52
CA LEU A 107 16.58 1.97 -11.38
C LEU A 107 17.28 1.36 -10.15
N PHE A 108 16.83 1.76 -8.96
CA PHE A 108 17.40 1.23 -7.73
C PHE A 108 16.76 -0.09 -7.29
N HIS A 109 17.58 -0.91 -6.64
CA HIS A 109 17.14 -2.14 -6.04
C HIS A 109 17.80 -2.33 -4.68
N GLY A 110 16.99 -2.57 -3.64
CA GLY A 110 17.53 -2.78 -2.31
C GLY A 110 17.14 -4.16 -1.84
N SER A 111 18.10 -4.90 -1.30
CA SER A 111 17.86 -6.27 -0.88
C SER A 111 18.88 -6.78 0.14
N PRO A 112 18.45 -7.65 1.06
CA PRO A 112 19.43 -8.38 1.84
C PRO A 112 20.37 -9.25 0.98
N PHE A 113 20.04 -9.52 -0.28
CA PHE A 113 20.83 -10.47 -1.09
C PHE A 113 21.76 -9.87 -2.17
N VAL A 114 22.15 -8.59 -1.99
CA VAL A 114 23.00 -7.86 -2.96
C VAL A 114 24.24 -8.64 -3.32
N ASN A 115 24.90 -9.26 -2.34
CA ASN A 115 26.09 -10.06 -2.64
C ASN A 115 25.83 -11.31 -3.48
N ALA A 116 24.71 -12.00 -3.31
CA ALA A 116 24.36 -13.07 -4.25
C ALA A 116 23.96 -12.53 -5.63
N ILE A 117 23.32 -11.37 -5.67
CA ILE A 117 22.90 -10.78 -6.96
C ILE A 117 24.09 -10.40 -7.80
N ILE A 118 25.08 -9.76 -7.19
CA ILE A 118 26.20 -9.27 -8.02
C ILE A 118 27.07 -10.42 -8.56
N HIS A 119 27.04 -11.57 -7.89
CA HIS A 119 27.82 -12.73 -8.34
C HIS A 119 27.07 -13.66 -9.25
N LYS A 120 25.79 -13.88 -9.00
CA LYS A 120 25.02 -14.87 -9.75
C LYS A 120 23.85 -14.32 -10.58
N GLY A 121 23.52 -13.04 -10.46
CA GLY A 121 22.48 -12.43 -11.27
C GLY A 121 21.18 -12.45 -10.52
N PHE A 122 20.17 -11.76 -11.06
CA PHE A 122 18.85 -11.81 -10.44
C PHE A 122 18.19 -13.13 -10.85
N ASP A 123 17.47 -13.76 -9.94
CA ASP A 123 16.62 -14.90 -10.23
C ASP A 123 15.42 -14.93 -9.28
N GLU A 124 14.54 -15.93 -9.47
CA GLU A 124 13.37 -16.18 -8.59
C GLU A 124 13.60 -16.03 -7.09
N ARG A 125 14.79 -16.31 -6.58
CA ARG A 125 15.04 -16.13 -5.16
C ARG A 125 15.13 -14.69 -4.72
N HIS A 126 15.20 -13.74 -5.66
CA HIS A 126 15.18 -12.32 -5.33
C HIS A 126 13.79 -11.65 -5.52
N ALA A 127 12.78 -12.46 -5.81
CA ALA A 127 11.44 -11.96 -6.05
C ALA A 127 10.80 -11.52 -4.74
N TYR A 128 9.91 -10.52 -4.79
CA TYR A 128 9.06 -10.16 -3.63
C TYR A 128 7.73 -10.85 -3.86
N ILE A 129 7.56 -11.99 -3.20
CA ILE A 129 6.41 -12.89 -3.43
C ILE A 129 5.12 -12.18 -3.05
N GLY A 130 5.17 -11.39 -1.98
CA GLY A 130 4.00 -10.68 -1.52
C GLY A 130 3.82 -9.26 -2.01
N GLY A 131 4.55 -8.84 -3.04
CA GLY A 131 4.46 -7.43 -3.47
C GLY A 131 3.11 -7.04 -4.08
N MET A 132 2.84 -5.75 -4.19
CA MET A 132 1.55 -5.23 -4.68
C MET A 132 1.21 -5.74 -6.07
N PHE A 133 2.22 -6.08 -6.87
CA PHE A 133 2.04 -6.45 -8.29
C PHE A 133 2.40 -7.89 -8.54
N GLY A 134 2.38 -8.68 -7.48
CA GLY A 134 2.63 -10.11 -7.60
C GLY A 134 4.10 -10.44 -7.41
N ALA A 135 4.41 -11.72 -7.58
CA ALA A 135 5.72 -12.23 -7.30
C ALA A 135 6.63 -11.87 -8.46
N GLY A 136 7.44 -10.85 -8.27
CA GLY A 136 8.45 -10.51 -9.28
C GLY A 136 9.55 -9.78 -8.59
N ILE A 137 10.42 -9.18 -9.41
CA ILE A 137 11.59 -8.49 -8.93
C ILE A 137 11.29 -7.01 -9.05
N TYR A 138 11.37 -6.31 -7.93
CA TYR A 138 10.88 -4.94 -7.81
C TYR A 138 12.03 -3.95 -7.87
N PHE A 139 11.80 -2.82 -8.54
CA PHE A 139 12.79 -1.77 -8.73
C PHE A 139 12.12 -0.42 -8.48
N ALA A 140 12.89 0.56 -8.01
CA ALA A 140 12.33 1.87 -7.70
C ALA A 140 13.05 3.04 -8.35
N GLU A 141 12.32 4.10 -8.71
CA GLU A 141 12.95 5.39 -9.12
C GLU A 141 13.44 6.14 -7.93
N ASN A 142 12.75 6.04 -6.80
CA ASN A 142 13.20 6.68 -5.56
C ASN A 142 14.22 5.78 -4.84
N SER A 143 15.47 6.26 -4.72
CA SER A 143 16.46 5.51 -3.96
C SER A 143 15.95 5.21 -2.50
N SER A 144 15.20 6.16 -1.90
CA SER A 144 14.72 6.01 -0.54
C SER A 144 13.65 4.93 -0.42
N LYS A 145 12.97 4.64 -1.53
CA LYS A 145 12.06 3.48 -1.55
C LYS A 145 12.86 2.15 -1.50
N SER A 146 13.87 2.00 -2.35
CA SER A 146 14.76 0.80 -2.27
C SER A 146 15.49 0.66 -0.93
N ASN A 147 15.80 1.78 -0.28
CA ASN A 147 16.43 1.75 1.02
C ASN A 147 15.53 1.09 2.12
N GLN A 148 14.21 1.10 1.93
CA GLN A 148 13.28 0.50 2.88
C GLN A 148 13.38 -1.01 2.88
N TYR A 149 14.01 -1.57 1.86
CA TYR A 149 14.20 -3.02 1.70
C TYR A 149 15.61 -3.60 1.91
N VAL A 150 16.59 -2.75 2.17
CA VAL A 150 17.98 -3.18 2.36
C VAL A 150 18.08 -4.26 3.46
N TYR A 151 17.36 -4.05 4.58
CA TYR A 151 17.37 -4.97 5.73
C TYR A 151 16.18 -5.91 5.80
N GLY A 152 15.43 -5.99 4.70
CA GLY A 152 14.34 -6.95 4.53
C GLY A 152 13.02 -6.25 4.23
N ILE A 153 11.97 -7.02 4.02
CA ILE A 153 10.62 -6.49 3.78
C ILE A 153 10.27 -5.60 4.95
N GLY A 154 9.78 -4.40 4.66
CA GLY A 154 9.40 -3.48 5.72
C GLY A 154 10.60 -3.07 6.58
N GLY A 155 11.82 -3.33 6.10
CA GLY A 155 13.02 -3.04 6.88
C GLY A 155 13.44 -4.14 7.85
N GLY A 156 12.67 -5.23 7.93
CA GLY A 156 13.00 -6.40 8.73
C GLY A 156 13.15 -5.98 10.16
N THR A 157 14.27 -6.34 10.78
CA THR A 157 14.58 -5.92 12.15
C THR A 157 15.72 -4.90 12.20
N GLY A 158 15.95 -4.20 11.09
CA GLY A 158 17.01 -3.19 10.98
C GLY A 158 18.39 -3.76 10.81
N CYS A 159 19.41 -2.98 11.16
CA CYS A 159 20.79 -3.39 10.95
C CYS A 159 21.10 -4.65 11.75
N PRO A 160 21.96 -5.53 11.21
CA PRO A 160 22.28 -6.72 12.01
C PRO A 160 22.94 -6.43 13.37
N VAL A 161 23.68 -5.34 13.50
CA VAL A 161 24.47 -5.10 14.70
C VAL A 161 23.66 -4.47 15.84
N HIS A 162 22.83 -3.47 15.54
CA HIS A 162 22.08 -2.69 16.52
C HIS A 162 20.55 -2.91 16.47
N LYS A 163 20.07 -3.77 15.58
CA LYS A 163 18.61 -3.96 15.36
C LYS A 163 17.86 -2.64 15.22
N ASP A 164 18.39 -1.75 14.41
CA ASP A 164 17.83 -0.42 14.27
C ASP A 164 17.55 -0.14 12.78
N ARG A 165 16.28 -0.08 12.40
CA ARG A 165 15.89 0.21 11.04
C ARG A 165 16.36 1.61 10.60
N SER A 166 16.58 2.50 11.58
CA SER A 166 17.10 3.82 11.33
C SER A 166 18.58 4.00 11.74
N CYS A 167 19.37 2.93 11.71
CA CYS A 167 20.79 3.03 12.13
C CYS A 167 21.55 4.05 11.27
N TYR A 168 22.26 4.97 11.92
CA TYR A 168 23.09 5.95 11.25
C TYR A 168 24.57 5.55 11.16
N ILE A 169 24.88 4.38 11.70
CA ILE A 169 26.25 3.91 11.83
C ILE A 169 26.61 2.82 10.81
N CYS A 170 25.78 1.79 10.72
CA CYS A 170 26.05 0.65 9.85
C CYS A 170 25.98 1.04 8.35
N HIS A 171 26.87 0.40 7.59
CA HIS A 171 27.01 0.63 6.14
C HIS A 171 25.91 -0.14 5.46
N ARG A 172 25.22 0.50 4.52
CA ARG A 172 24.16 -0.11 3.74
C ARG A 172 24.63 -0.18 2.30
N GLN A 173 24.03 -1.11 1.55
CA GLN A 173 24.27 -1.20 0.09
C GLN A 173 22.97 -1.22 -0.73
N LEU A 174 22.94 -0.47 -1.85
CA LEU A 174 21.87 -0.47 -2.85
C LEU A 174 22.57 -0.84 -4.17
N LEU A 175 21.82 -1.44 -5.10
CA LEU A 175 22.24 -1.57 -6.49
C LEU A 175 21.53 -0.52 -7.34
N PHE A 176 22.28 0.03 -8.29
CA PHE A 176 21.73 0.89 -9.35
C PHE A 176 21.87 0.09 -10.65
N CYS A 177 20.72 -0.29 -11.22
CA CYS A 177 20.59 -1.37 -12.19
C CYS A 177 20.02 -0.92 -13.54
N ARG A 178 20.45 -1.58 -14.60
CA ARG A 178 19.94 -1.37 -15.94
C ARG A 178 18.82 -2.37 -16.09
N VAL A 179 17.61 -1.87 -16.34
CA VAL A 179 16.43 -2.68 -16.40
C VAL A 179 15.68 -2.51 -17.71
N THR A 180 15.37 -3.62 -18.34
CA THR A 180 14.58 -3.64 -19.56
C THR A 180 13.10 -3.75 -19.23
N LEU A 181 12.32 -2.71 -19.55
CA LEU A 181 10.86 -2.78 -19.28
C LEU A 181 10.05 -3.24 -20.45
N GLY A 182 10.55 -3.04 -21.67
CA GLY A 182 9.78 -3.32 -22.87
C GLY A 182 8.39 -2.66 -22.78
N LYS A 183 7.36 -3.39 -23.21
CA LYS A 183 5.98 -2.95 -23.10
C LYS A 183 5.51 -3.19 -21.67
N SER A 184 5.30 -2.11 -20.92
CA SER A 184 5.00 -2.22 -19.50
C SER A 184 3.49 -2.04 -19.25
N PHE A 185 2.92 -2.93 -18.46
CA PHE A 185 1.54 -2.84 -18.05
C PHE A 185 1.39 -1.77 -16.95
N LEU A 186 0.54 -0.79 -17.21
CA LEU A 186 0.31 0.38 -16.34
C LEU A 186 -0.74 0.09 -15.28
N GLN A 187 -0.31 0.08 -14.02
CA GLN A 187 -1.21 -0.12 -12.90
C GLN A 187 -1.29 1.19 -12.10
N PHE A 188 -2.48 1.76 -11.92
CA PHE A 188 -2.66 3.00 -11.13
C PHE A 188 -2.85 2.58 -9.70
N SER A 189 -2.34 3.35 -8.75
CA SER A 189 -2.22 2.79 -7.40
C SER A 189 -1.98 3.81 -6.32
N ALA A 190 -2.38 3.44 -5.10
CA ALA A 190 -2.16 4.30 -3.92
C ALA A 190 -0.93 3.86 -3.12
N MET B 2 7.70 -17.38 -8.97
CA MET B 2 7.66 -16.11 -9.69
C MET B 2 6.51 -16.08 -10.74
N ALA B 3 5.66 -15.05 -10.65
CA ALA B 3 4.51 -14.89 -11.56
C ALA B 3 4.96 -14.63 -13.01
N HIS B 4 4.00 -14.44 -13.91
CA HIS B 4 4.31 -14.05 -15.27
C HIS B 4 3.90 -12.60 -15.47
N SER B 5 4.55 -11.93 -16.43
CA SER B 5 4.08 -10.64 -16.94
C SER B 5 2.64 -10.80 -17.40
N PRO B 6 1.85 -9.71 -17.32
CA PRO B 6 0.54 -9.76 -18.03
C PRO B 6 0.73 -10.07 -19.54
N PRO B 7 -0.20 -10.86 -20.13
CA PRO B 7 -0.13 -11.17 -21.57
C PRO B 7 0.10 -9.94 -22.45
N GLY B 8 1.02 -10.05 -23.40
CA GLY B 8 1.37 -8.91 -24.25
C GLY B 8 2.30 -7.89 -23.61
N HIS B 9 2.80 -8.15 -22.40
CA HIS B 9 3.65 -7.19 -21.68
C HIS B 9 4.94 -7.79 -21.17
N HIS B 10 5.97 -6.96 -20.93
CA HIS B 10 7.25 -7.49 -20.40
C HIS B 10 7.59 -7.07 -18.98
N SER B 11 6.75 -6.21 -18.40
CA SER B 11 6.94 -5.68 -17.08
C SER B 11 5.65 -5.05 -16.57
N VAL B 12 5.66 -4.61 -15.33
CA VAL B 12 4.54 -3.85 -14.77
C VAL B 12 5.08 -2.54 -14.23
N THR B 13 4.34 -1.44 -14.44
CA THR B 13 4.67 -0.17 -13.85
C THR B 13 3.63 0.15 -12.79
N GLY B 14 4.07 0.43 -11.59
CA GLY B 14 3.20 0.89 -10.52
C GLY B 14 3.24 2.40 -10.46
N ARG B 15 2.17 3.03 -10.95
CA ARG B 15 2.05 4.47 -10.99
C ARG B 15 1.48 5.04 -9.67
N PRO B 16 2.16 6.02 -9.09
CA PRO B 16 1.60 6.56 -7.85
C PRO B 16 0.33 7.37 -8.15
N SER B 17 -0.76 7.10 -7.41
CA SER B 17 -2.11 7.73 -7.61
C SER B 17 -2.68 8.52 -6.38
N VAL B 18 -1.86 8.77 -5.36
CA VAL B 18 -2.28 9.54 -4.18
C VAL B 18 -1.16 10.50 -3.76
N ASN B 19 -0.01 9.89 -3.41
CA ASN B 19 1.20 10.64 -3.03
C ASN B 19 1.71 11.27 -4.31
N GLY B 20 1.31 12.53 -4.42
CA GLY B 20 1.80 13.39 -5.45
C GLY B 20 3.30 13.47 -5.53
N LEU B 21 4.07 13.16 -4.46
CA LEU B 21 5.55 13.25 -4.63
C LEU B 21 6.29 11.96 -4.98
N ALA B 22 5.60 10.84 -4.94
CA ALA B 22 6.23 9.53 -5.19
C ALA B 22 6.58 9.32 -6.66
N LEU B 23 7.72 8.71 -6.91
CA LEU B 23 8.04 8.29 -8.24
C LEU B 23 7.58 6.84 -8.44
N ALA B 24 7.69 6.39 -9.66
CA ALA B 24 7.19 5.10 -10.01
C ALA B 24 8.03 3.93 -9.48
N GLU B 25 7.34 2.79 -9.34
CA GLU B 25 7.93 1.48 -9.07
C GLU B 25 7.66 0.51 -10.25
N TYR B 26 8.56 -0.44 -10.43
CA TYR B 26 8.50 -1.32 -11.60
C TYR B 26 8.76 -2.77 -11.19
N VAL B 27 8.15 -3.70 -11.92
CA VAL B 27 8.31 -5.13 -11.68
C VAL B 27 8.61 -5.85 -12.97
N ILE B 28 9.65 -6.69 -12.91
CA ILE B 28 9.96 -7.61 -13.99
C ILE B 28 9.79 -9.04 -13.45
N TYR B 29 9.58 -9.97 -14.36
CA TYR B 29 9.30 -11.35 -14.01
C TYR B 29 10.34 -12.33 -14.55
N ARG B 30 11.42 -11.81 -15.17
CA ARG B 30 12.53 -12.63 -15.63
C ARG B 30 13.77 -11.98 -15.06
N GLY B 31 14.59 -12.72 -14.32
CA GLY B 31 15.84 -12.13 -13.82
C GLY B 31 16.82 -11.58 -14.87
N GLU B 32 16.74 -12.12 -16.07
CA GLU B 32 17.61 -11.70 -17.18
C GLU B 32 17.33 -10.30 -17.68
N GLN B 33 16.23 -9.69 -17.24
CA GLN B 33 15.85 -8.38 -17.67
C GLN B 33 16.42 -7.24 -16.82
N ALA B 34 17.38 -7.52 -15.94
CA ALA B 34 18.10 -6.51 -15.19
C ALA B 34 19.57 -6.91 -15.03
N TYR B 35 20.43 -5.92 -15.00
CA TYR B 35 21.85 -6.08 -14.80
C TYR B 35 22.28 -5.09 -13.72
N PRO B 36 22.90 -5.59 -12.63
CA PRO B 36 23.25 -4.74 -11.51
C PRO B 36 24.52 -3.96 -11.81
N GLU B 37 24.42 -2.74 -12.34
CA GLU B 37 25.58 -2.03 -12.90
C GLU B 37 26.49 -1.45 -11.84
N TYR B 38 25.90 -0.89 -10.78
CA TYR B 38 26.65 -0.22 -9.75
C TYR B 38 26.24 -0.72 -8.36
N LEU B 39 27.25 -0.94 -7.50
CA LEU B 39 27.06 -1.23 -6.09
C LEU B 39 27.44 0.02 -5.29
N ILE B 40 26.46 0.56 -4.57
CA ILE B 40 26.63 1.81 -3.84
C ILE B 40 26.61 1.52 -2.36
N THR B 41 27.69 1.89 -1.67
CA THR B 41 27.78 1.67 -0.22
C THR B 41 27.62 3.01 0.49
N TYR B 42 26.77 3.05 1.50
CA TYR B 42 26.38 4.33 2.07
C TYR B 42 25.90 4.25 3.51
N GLN B 43 25.72 5.41 4.14
CA GLN B 43 24.98 5.52 5.37
C GLN B 43 23.85 6.53 5.17
N ILE B 44 22.73 6.32 5.83
CA ILE B 44 21.71 7.37 5.90
C ILE B 44 22.19 8.44 6.89
N MET B 45 21.88 9.71 6.66
CA MET B 45 22.37 10.77 7.57
C MET B 45 21.27 11.31 8.49
N ARG B 46 21.57 11.47 9.77
CA ARG B 46 20.58 12.00 10.72
C ARG B 46 20.34 13.47 10.41
N PRO B 47 19.10 13.90 10.14
CA PRO B 47 18.84 15.32 9.84
C PRO B 47 19.28 16.24 10.99
N GLU B 48 19.75 17.43 10.69
CA GLU B 48 20.34 18.30 11.72
C GLU B 48 19.34 18.91 12.69
N GLY C 30 0.12 14.73 10.49
CA GLY C 30 0.44 13.97 11.71
C GLY C 30 0.25 12.46 11.61
N THR C 31 -0.21 11.96 10.45
CA THR C 31 -0.56 10.54 10.31
C THR C 31 0.63 9.78 9.75
N ILE C 32 0.90 8.61 10.32
CA ILE C 32 1.81 7.66 9.72
C ILE C 32 1.13 6.30 9.53
N LEU C 33 1.55 5.60 8.48
CA LEU C 33 0.98 4.31 8.08
C LEU C 33 2.07 3.27 8.20
N ILE C 34 1.81 2.22 8.95
CA ILE C 34 2.79 1.16 9.17
C ILE C 34 2.29 -0.09 8.51
N ASP C 35 3.06 -0.63 7.58
CA ASP C 35 2.71 -1.92 6.97
C ASP C 35 2.71 -3.07 7.93
N LEU C 36 1.71 -3.92 7.83
CA LEU C 36 1.69 -5.15 8.61
C LEU C 36 2.17 -6.25 7.69
N SER C 37 2.98 -7.15 8.23
CA SER C 37 3.50 -8.29 7.47
C SER C 37 2.38 -9.31 7.32
N PRO C 38 2.25 -9.94 6.14
CA PRO C 38 1.28 -11.02 6.02
C PRO C 38 1.48 -12.16 7.04
N ASP C 39 2.68 -12.30 7.58
CA ASP C 39 2.99 -13.31 8.61
C ASP C 39 2.51 -12.97 9.99
N ASP C 40 2.11 -11.71 10.19
CA ASP C 40 1.61 -11.19 11.44
C ASP C 40 0.17 -11.69 11.69
N LYS C 41 -0.11 -12.18 12.90
CA LYS C 41 -1.48 -12.57 13.26
C LYS C 41 -2.47 -11.40 13.14
N GLU C 42 -1.99 -10.18 13.36
CA GLU C 42 -2.82 -8.99 13.18
C GLU C 42 -3.30 -8.82 11.73
N PHE C 43 -2.41 -8.94 10.76
CA PHE C 43 -2.75 -8.92 9.34
C PHE C 43 -3.79 -10.01 9.09
N GLN C 44 -3.54 -11.19 9.62
CA GLN C 44 -4.34 -12.33 9.28
C GLN C 44 -5.75 -12.17 9.81
N SER C 45 -5.88 -11.61 11.02
CA SER C 45 -7.18 -11.39 11.63
C SER C 45 -8.00 -10.39 10.80
N VAL C 46 -7.34 -9.31 10.39
CA VAL C 46 -8.02 -8.31 9.57
C VAL C 46 -8.43 -8.90 8.21
N GLU C 47 -7.54 -9.61 7.53
CA GLU C 47 -7.92 -10.28 6.31
C GLU C 47 -9.13 -11.21 6.53
N GLU C 48 -9.14 -11.98 7.62
CA GLU C 48 -10.26 -12.90 7.84
C GLU C 48 -11.59 -12.17 8.06
N GLU C 49 -11.52 -11.05 8.76
CA GLU C 49 -12.70 -10.22 8.96
C GLU C 49 -13.20 -9.70 7.61
N MET C 50 -12.30 -9.24 6.74
CA MET C 50 -12.71 -8.92 5.34
C MET C 50 -13.35 -10.06 4.54
N GLN C 51 -12.61 -11.17 4.43
CA GLN C 51 -13.05 -12.30 3.61
C GLN C 51 -14.34 -12.98 4.14
N SER C 52 -14.44 -13.13 5.46
CA SER C 52 -15.56 -13.84 6.02
C SER C 52 -16.86 -13.02 6.02
N THR C 53 -16.80 -11.71 5.81
CA THR C 53 -18.02 -10.90 5.77
C THR C 53 -18.48 -10.45 4.37
N VAL C 54 -17.93 -11.07 3.35
CA VAL C 54 -18.47 -10.90 2.02
C VAL C 54 -19.84 -11.60 1.97
N ARG C 55 -20.82 -10.96 1.35
CA ARG C 55 -22.09 -11.64 1.06
C ARG C 55 -22.53 -11.25 -0.34
N GLU C 56 -23.55 -11.91 -0.82
CA GLU C 56 -24.26 -11.47 -2.02
C GLU C 56 -25.14 -10.27 -1.76
N HIS C 57 -25.23 -9.41 -2.76
CA HIS C 57 -26.06 -8.22 -2.73
C HIS C 57 -27.24 -8.30 -3.69
N ARG C 58 -28.34 -7.64 -3.33
CA ARG C 58 -29.58 -7.78 -4.09
C ARG C 58 -29.55 -7.03 -5.40
N ASP C 59 -28.53 -6.20 -5.62
CA ASP C 59 -28.32 -5.57 -6.91
C ASP C 59 -27.55 -6.39 -7.92
N GLY C 60 -27.29 -7.64 -7.59
CA GLY C 60 -26.54 -8.54 -8.46
C GLY C 60 -25.06 -8.15 -8.68
N GLY C 61 -24.54 -7.21 -7.93
CA GLY C 61 -23.18 -6.71 -8.16
C GLY C 61 -23.11 -5.35 -8.83
N HIS C 62 -24.26 -4.75 -9.13
CA HIS C 62 -24.28 -3.46 -9.77
C HIS C 62 -23.35 -2.40 -9.12
N ALA C 63 -23.50 -2.16 -7.82
CA ALA C 63 -22.76 -1.07 -7.17
C ALA C 63 -21.30 -1.43 -6.90
N GLY C 64 -21.06 -2.62 -6.37
CA GLY C 64 -19.74 -3.04 -5.92
C GLY C 64 -18.94 -4.01 -6.76
N GLY C 65 -19.59 -4.61 -7.76
CA GLY C 65 -18.99 -5.69 -8.54
C GLY C 65 -19.41 -7.08 -8.17
N ILE C 66 -18.98 -8.04 -9.01
CA ILE C 66 -19.31 -9.44 -8.86
C ILE C 66 -18.05 -10.15 -8.34
N PHE C 67 -18.15 -10.66 -7.12
CA PHE C 67 -17.04 -11.35 -6.44
C PHE C 67 -17.50 -12.13 -5.21
N ASN C 68 -16.73 -13.13 -4.81
CA ASN C 68 -16.95 -13.87 -3.57
C ASN C 68 -15.83 -13.66 -2.56
N ARG C 69 -14.75 -13.03 -2.99
CA ARG C 69 -13.59 -12.87 -2.14
C ARG C 69 -12.67 -11.82 -2.70
N TYR C 70 -11.72 -11.36 -1.89
CA TYR C 70 -10.79 -10.35 -2.28
C TYR C 70 -9.37 -10.94 -2.41
N ASN C 71 -8.56 -10.28 -3.22
CA ASN C 71 -7.12 -10.32 -3.14
C ASN C 71 -6.61 -9.12 -2.26
N ILE C 72 -6.18 -9.41 -1.04
CA ILE C 72 -5.69 -8.37 -0.13
C ILE C 72 -4.23 -8.06 -0.54
N LEU C 73 -3.95 -6.82 -0.93
CA LEU C 73 -2.63 -6.43 -1.37
C LEU C 73 -1.78 -5.89 -0.23
N LYS C 74 -2.42 -5.25 0.75
CA LYS C 74 -1.72 -4.52 1.80
C LYS C 74 -2.69 -4.14 2.96
N ILE C 75 -2.17 -4.22 4.19
CA ILE C 75 -2.90 -3.74 5.35
C ILE C 75 -1.94 -2.86 6.16
N GLN C 76 -2.31 -1.60 6.35
CA GLN C 76 -1.51 -0.66 7.10
C GLN C 76 -2.22 -0.18 8.36
N LYS C 77 -1.47 -0.10 9.46
CA LYS C 77 -1.96 0.52 10.68
C LYS C 77 -1.89 2.03 10.54
N VAL C 78 -2.96 2.71 10.93
CA VAL C 78 -3.02 4.19 10.83
C VAL C 78 -2.79 4.82 12.20
N CYS C 79 -1.80 5.71 12.33
CA CYS C 79 -1.41 6.27 13.62
C CYS C 79 -1.42 7.78 13.56
N ASN C 80 -2.22 8.39 14.40
CA ASN C 80 -2.26 9.82 14.48
C ASN C 80 -2.64 10.19 15.91
N LYS C 81 -1.64 10.71 16.62
CA LYS C 81 -1.73 11.01 18.04
C LYS C 81 -2.89 11.96 18.34
N LYS C 82 -3.00 13.03 17.56
CA LYS C 82 -4.07 14.01 17.77
C LYS C 82 -5.48 13.42 17.54
N LEU C 83 -5.68 12.73 16.42
CA LEU C 83 -6.97 12.11 16.12
C LEU C 83 -7.33 11.05 17.14
N TRP C 84 -6.32 10.31 17.61
CA TRP C 84 -6.54 9.31 18.63
C TRP C 84 -7.03 9.93 19.94
N GLU C 85 -6.34 10.99 20.41
CA GLU C 85 -6.80 11.72 21.61
C GLU C 85 -8.21 12.30 21.45
N ARG C 86 -8.52 12.89 20.30
CA ARG C 86 -9.88 13.33 19.97
C ARG C 86 -10.89 12.15 20.13
N TYR C 87 -10.51 10.98 19.61
CA TYR C 87 -11.39 9.81 19.68
C TYR C 87 -11.60 9.38 21.13
N THR C 88 -10.53 9.20 21.90
CA THR C 88 -10.63 8.71 23.29
C THR C 88 -11.27 9.68 24.24
N HIS C 89 -11.24 10.95 23.89
CA HIS C 89 -11.92 11.96 24.69
C HIS C 89 -13.42 11.86 24.46
N ARG C 90 -13.81 11.71 23.21
CA ARG C 90 -15.20 11.47 22.93
C ARG C 90 -15.65 10.12 23.51
N ARG C 91 -14.81 9.11 23.47
CA ARG C 91 -15.25 7.80 23.95
C ARG C 91 -15.57 7.85 25.46
N LYS C 92 -14.74 8.58 26.19
CA LYS C 92 -14.93 8.77 27.61
C LYS C 92 -16.25 9.50 27.89
N GLU C 93 -16.57 10.56 27.15
CA GLU C 93 -17.88 11.22 27.37
C GLU C 93 -19.05 10.25 27.12
N VAL C 94 -19.01 9.51 26.00
CA VAL C 94 -20.11 8.61 25.67
C VAL C 94 -20.21 7.48 26.71
N SER C 95 -19.06 6.97 27.11
CA SER C 95 -18.99 5.89 28.04
C SER C 95 -19.64 6.28 29.38
N GLU C 96 -19.27 7.45 29.91
CA GLU C 96 -19.90 8.04 31.10
C GLU C 96 -21.41 8.28 30.90
N GLU C 97 -21.84 8.75 29.73
CA GLU C 97 -23.27 8.95 29.52
C GLU C 97 -24.04 7.67 29.39
N ASN C 98 -23.38 6.58 29.01
CA ASN C 98 -24.04 5.29 28.82
C ASN C 98 -23.61 4.33 29.95
N HIS C 99 -23.35 4.90 31.13
CA HIS C 99 -23.17 4.17 32.38
C HIS C 99 -21.98 3.25 32.34
N ASN C 100 -20.90 3.81 31.82
CA ASN C 100 -19.59 3.21 31.76
C ASN C 100 -19.53 2.05 30.73
N HIS C 101 -20.16 2.25 29.58
CA HIS C 101 -20.10 1.29 28.49
C HIS C 101 -20.03 2.05 27.20
N ALA C 102 -18.83 2.08 26.59
CA ALA C 102 -18.58 2.72 25.30
C ALA C 102 -19.29 2.03 24.13
N ASN C 103 -19.53 0.72 24.25
CA ASN C 103 -20.14 -0.08 23.17
C ASN C 103 -19.33 0.07 21.87
N GLU C 104 -18.02 -0.18 22.00
CA GLU C 104 -17.07 -0.01 20.94
C GLU C 104 -16.95 -1.22 20.01
N ARG C 105 -16.97 -0.96 18.70
CA ARG C 105 -16.92 -2.00 17.68
C ARG C 105 -15.80 -1.78 16.67
N MET C 106 -15.48 -2.81 15.91
CA MET C 106 -14.61 -2.64 14.71
C MET C 106 -15.54 -2.83 13.52
N LEU C 107 -15.58 -1.83 12.64
CA LEU C 107 -16.53 -1.82 11.52
C LEU C 107 -15.88 -1.27 10.28
N PHE C 108 -16.35 -1.71 9.12
CA PHE C 108 -15.80 -1.21 7.85
C PHE C 108 -16.40 0.13 7.39
N HIS C 109 -15.60 0.89 6.63
CA HIS C 109 -16.09 2.11 5.99
C HIS C 109 -15.47 2.23 4.60
N GLY C 110 -16.31 2.34 3.57
CA GLY C 110 -15.87 2.55 2.19
C GLY C 110 -16.26 3.96 1.74
N SER C 111 -15.34 4.67 1.11
CA SER C 111 -15.57 6.05 0.72
C SER C 111 -14.52 6.46 -0.29
N PRO C 112 -14.88 7.35 -1.24
CA PRO C 112 -13.80 7.92 -2.08
C PRO C 112 -12.87 8.90 -1.34
N PHE C 113 -13.17 9.25 -0.10
CA PHE C 113 -12.41 10.25 0.64
C PHE C 113 -11.44 9.63 1.68
N VAL C 114 -11.04 8.39 1.49
CA VAL C 114 -10.18 7.70 2.46
C VAL C 114 -8.87 8.46 2.71
N ASN C 115 -8.30 9.09 1.69
CA ASN C 115 -7.09 9.91 1.91
C ASN C 115 -7.37 11.05 2.88
N ALA C 116 -8.47 11.76 2.68
CA ALA C 116 -8.81 12.84 3.59
C ALA C 116 -9.07 12.33 5.00
N ILE C 117 -9.85 11.25 5.13
CA ILE C 117 -10.18 10.69 6.44
C ILE C 117 -8.97 10.33 7.30
N ILE C 118 -8.02 9.63 6.71
CA ILE C 118 -6.86 9.22 7.49
C ILE C 118 -5.97 10.39 7.97
N HIS C 119 -5.98 11.50 7.26
CA HIS C 119 -5.14 12.64 7.64
C HIS C 119 -5.84 13.62 8.55
N LYS C 120 -7.12 13.89 8.29
CA LYS C 120 -7.89 14.91 8.99
C LYS C 120 -8.99 14.36 9.90
N GLY C 121 -9.34 13.09 9.79
CA GLY C 121 -10.41 12.51 10.64
C GLY C 121 -11.73 12.53 9.90
N PHE C 122 -12.75 11.90 10.49
CA PHE C 122 -14.09 11.96 9.96
C PHE C 122 -14.71 13.30 10.32
N ASP C 123 -15.48 13.87 9.41
CA ASP C 123 -16.37 15.00 9.76
C ASP C 123 -17.55 15.04 8.79
N GLU C 124 -18.37 16.07 8.94
CA GLU C 124 -19.60 16.23 8.15
C GLU C 124 -19.44 16.01 6.65
N ARG C 125 -18.27 16.26 6.07
CA ARG C 125 -18.05 16.02 4.63
C ARG C 125 -18.20 14.55 4.29
N HIS C 126 -17.92 13.67 5.26
CA HIS C 126 -17.96 12.20 4.99
C HIS C 126 -19.35 11.57 5.34
N ALA C 127 -20.34 12.44 5.59
CA ALA C 127 -21.69 12.03 5.92
C ALA C 127 -22.45 11.67 4.67
N TYR C 128 -23.42 10.79 4.81
CA TYR C 128 -24.24 10.32 3.71
C TYR C 128 -25.60 10.91 3.94
N ILE C 129 -25.84 12.05 3.29
CA ILE C 129 -27.00 12.90 3.56
C ILE C 129 -28.28 12.12 3.34
N GLY C 130 -28.33 11.33 2.26
CA GLY C 130 -29.52 10.61 1.88
C GLY C 130 -29.59 9.19 2.41
N GLY C 131 -28.83 8.91 3.47
CA GLY C 131 -28.84 7.57 4.02
C GLY C 131 -30.19 7.20 4.63
N MET C 132 -30.50 5.91 4.66
CA MET C 132 -31.76 5.42 5.24
C MET C 132 -32.00 5.69 6.73
N PHE C 133 -30.96 6.02 7.49
CA PHE C 133 -31.14 6.39 8.91
C PHE C 133 -30.66 7.79 9.15
N GLY C 134 -30.85 8.65 8.16
CA GLY C 134 -30.52 10.05 8.30
C GLY C 134 -29.11 10.37 7.86
N ALA C 135 -28.80 11.67 7.96
CA ALA C 135 -27.50 12.24 7.56
C ALA C 135 -26.45 12.02 8.64
N GLY C 136 -25.74 10.91 8.54
CA GLY C 136 -24.63 10.64 9.47
C GLY C 136 -23.55 9.87 8.75
N ILE C 137 -22.57 9.37 9.48
CA ILE C 137 -21.47 8.62 8.90
C ILE C 137 -21.74 7.13 9.10
N TYR C 138 -21.73 6.38 8.01
CA TYR C 138 -22.18 5.01 7.95
C TYR C 138 -21.01 4.03 8.01
N PHE C 139 -21.22 2.91 8.69
CA PHE C 139 -20.28 1.86 8.89
C PHE C 139 -21.03 0.54 8.69
N ALA C 140 -20.29 -0.51 8.33
CA ALA C 140 -20.89 -1.80 7.99
C ALA C 140 -20.17 -2.98 8.63
N GLU C 141 -20.94 -3.99 9.05
CA GLU C 141 -20.35 -5.27 9.42
C GLU C 141 -19.94 -6.09 8.18
N ASN C 142 -20.67 -5.99 7.07
CA ASN C 142 -20.28 -6.67 5.84
C ASN C 142 -19.24 -5.83 5.10
N SER C 143 -18.05 -6.36 4.94
CA SER C 143 -17.02 -5.71 4.11
C SER C 143 -17.56 -5.40 2.69
N SER C 144 -18.37 -6.30 2.15
CA SER C 144 -18.90 -6.14 0.80
C SER C 144 -19.92 -4.99 0.68
N LYS C 145 -20.56 -4.66 1.79
CA LYS C 145 -21.46 -3.52 1.84
C LYS C 145 -20.64 -2.23 1.73
N SER C 146 -19.58 -2.11 2.53
CA SER C 146 -18.71 -0.94 2.40
C SER C 146 -18.06 -0.85 1.01
N ASN C 147 -17.71 -1.99 0.42
CA ASN C 147 -17.14 -2.00 -0.95
C ASN C 147 -18.06 -1.36 -2.02
N GLN C 148 -19.37 -1.36 -1.80
CA GLN C 148 -20.33 -0.67 -2.69
C GLN C 148 -20.20 0.86 -2.69
N TYR C 149 -19.48 1.41 -1.74
CA TYR C 149 -19.37 2.86 -1.56
C TYR C 149 -17.99 3.39 -1.85
N VAL C 150 -17.05 2.49 -2.07
CA VAL C 150 -15.65 2.84 -2.37
C VAL C 150 -15.52 3.84 -3.54
N TYR C 151 -16.29 3.65 -4.59
CA TYR C 151 -16.26 4.58 -5.73
C TYR C 151 -17.41 5.58 -5.69
N GLY C 152 -18.04 5.75 -4.53
CA GLY C 152 -19.16 6.70 -4.38
C GLY C 152 -20.52 6.04 -4.10
N ILE C 153 -21.56 6.85 -3.92
CA ILE C 153 -22.90 6.34 -3.64
C ILE C 153 -23.33 5.47 -4.80
N GLY C 154 -23.81 4.26 -4.49
CA GLY C 154 -24.22 3.29 -5.52
C GLY C 154 -23.08 2.83 -6.44
N GLY C 155 -21.85 2.96 -5.96
CA GLY C 155 -20.69 2.66 -6.76
C GLY C 155 -20.21 3.76 -7.74
N GLY C 156 -20.90 4.90 -7.77
CA GLY C 156 -20.61 6.02 -8.66
C GLY C 156 -20.50 5.54 -10.08
N THR C 157 -19.45 5.91 -10.81
CA THR C 157 -19.21 5.38 -12.17
C THR C 157 -18.07 4.35 -12.16
N GLY C 158 -17.80 3.76 -11.00
CA GLY C 158 -16.76 2.75 -10.91
C GLY C 158 -15.37 3.32 -10.84
N CYS C 159 -14.39 2.52 -11.20
CA CYS C 159 -12.99 2.93 -11.11
C CYS C 159 -12.66 4.10 -12.04
N PRO C 160 -11.72 4.95 -11.63
CA PRO C 160 -11.31 6.08 -12.47
C PRO C 160 -10.78 5.71 -13.82
N VAL C 161 -10.03 4.63 -13.91
CA VAL C 161 -9.38 4.23 -15.14
C VAL C 161 -10.30 3.56 -16.15
N HIS C 162 -11.21 2.70 -15.73
CA HIS C 162 -11.99 1.93 -16.68
C HIS C 162 -13.50 2.23 -16.61
N LYS C 163 -13.92 3.04 -15.64
CA LYS C 163 -15.32 3.31 -15.39
C LYS C 163 -16.07 2.01 -15.22
N ASP C 164 -15.50 1.11 -14.42
CA ASP C 164 -16.05 -0.21 -14.25
C ASP C 164 -16.25 -0.44 -12.75
N ARG C 165 -17.53 -0.53 -12.33
CA ARG C 165 -17.86 -0.77 -10.94
C ARG C 165 -17.45 -2.17 -10.50
N SER C 166 -17.31 -3.08 -11.45
CA SER C 166 -16.80 -4.40 -11.19
C SER C 166 -15.33 -4.59 -11.64
N CYS C 167 -14.54 -3.52 -11.71
CA CYS C 167 -13.13 -3.65 -12.21
C CYS C 167 -12.39 -4.64 -11.33
N TYR C 168 -11.76 -5.63 -11.98
CA TYR C 168 -10.87 -6.60 -11.32
C TYR C 168 -9.36 -6.23 -11.33
N ILE C 169 -9.05 -5.09 -11.92
CA ILE C 169 -7.66 -4.67 -12.09
C ILE C 169 -7.27 -3.60 -11.09
N CYS C 170 -8.09 -2.57 -10.99
CA CYS C 170 -7.74 -1.42 -10.15
C CYS C 170 -7.77 -1.73 -8.65
N HIS C 171 -6.81 -1.15 -7.93
CA HIS C 171 -6.70 -1.28 -6.49
C HIS C 171 -7.71 -0.42 -5.76
N ARG C 172 -8.39 -1.01 -4.78
CA ARG C 172 -9.37 -0.35 -3.96
C ARG C 172 -8.88 -0.23 -2.56
N GLN C 173 -9.40 0.75 -1.83
CA GLN C 173 -9.11 0.87 -0.40
C GLN C 173 -10.36 0.93 0.47
N LEU C 174 -10.37 0.26 1.62
CA LEU C 174 -11.43 0.32 2.65
C LEU C 174 -10.75 0.70 3.96
N LEU C 175 -11.47 1.26 4.91
CA LEU C 175 -10.99 1.43 6.28
C LEU C 175 -11.68 0.44 7.17
N PHE C 176 -10.95 -0.07 8.16
CA PHE C 176 -11.54 -0.89 9.21
C PHE C 176 -11.30 -0.06 10.45
N CYS C 177 -12.40 0.45 11.02
CA CYS C 177 -12.38 1.51 12.01
C CYS C 177 -12.87 1.09 13.39
N ARG C 178 -12.34 1.74 14.41
CA ARG C 178 -12.85 1.63 15.77
C ARG C 178 -13.98 2.67 15.91
N VAL C 179 -15.19 2.22 16.29
CA VAL C 179 -16.36 3.06 16.32
C VAL C 179 -17.04 2.97 17.68
N THR C 180 -17.31 4.14 18.30
CA THR C 180 -18.01 4.18 19.57
C THR C 180 -19.52 4.34 19.31
N LEU C 181 -20.31 3.34 19.68
CA LEU C 181 -21.78 3.40 19.43
C LEU C 181 -22.57 3.92 20.62
N GLY C 182 -22.01 3.81 21.82
CA GLY C 182 -22.74 4.15 23.03
C GLY C 182 -24.10 3.49 23.06
N LYS C 183 -25.11 4.25 23.49
CA LYS C 183 -26.49 3.76 23.49
C LYS C 183 -26.97 3.89 22.08
N SER C 184 -27.08 2.75 21.39
CA SER C 184 -27.45 2.74 19.99
C SER C 184 -28.96 2.48 19.78
N PHE C 185 -29.60 3.33 19.00
CA PHE C 185 -31.02 3.17 18.69
C PHE C 185 -31.22 2.07 17.66
N LEU C 186 -31.96 1.02 18.02
CA LEU C 186 -32.18 -0.06 17.07
C LEU C 186 -33.26 0.28 16.09
N GLN C 187 -32.96 0.26 14.79
CA GLN C 187 -33.92 0.57 13.76
C GLN C 187 -33.95 -0.62 12.83
N PHE C 188 -35.06 -1.34 12.75
CA PHE C 188 -35.13 -2.44 11.80
C PHE C 188 -35.31 -1.80 10.43
N SER C 189 -34.74 -2.40 9.41
CA SER C 189 -34.89 -1.87 8.08
C SER C 189 -35.47 -2.95 7.18
N ALA C 190 -36.20 -2.51 6.18
CA ALA C 190 -36.87 -3.42 5.26
C ALA C 190 -35.89 -4.16 4.34
N MET C 191 -34.65 -3.69 4.24
CA MET C 191 -33.64 -4.40 3.45
C MET C 191 -33.39 -5.81 4.01
N MET D 2 -25.49 17.61 8.81
CA MET D 2 -25.42 16.39 9.67
C MET D 2 -26.53 16.35 10.74
N ALA D 3 -27.29 15.25 10.77
CA ALA D 3 -28.36 15.03 11.77
C ALA D 3 -27.79 14.77 13.16
N HIS D 4 -28.69 14.60 14.13
CA HIS D 4 -28.32 14.31 15.51
C HIS D 4 -28.85 12.95 15.85
N SER D 5 -28.20 12.29 16.81
CA SER D 5 -28.67 11.00 17.27
C SER D 5 -30.06 11.21 17.80
N PRO D 6 -30.86 10.13 17.82
CA PRO D 6 -32.14 10.14 18.55
C PRO D 6 -31.95 10.52 20.02
N PRO D 7 -32.86 11.33 20.57
CA PRO D 7 -32.79 11.77 21.97
C PRO D 7 -32.28 10.69 22.91
N GLY D 8 -31.24 11.05 23.65
CA GLY D 8 -30.61 10.15 24.62
C GLY D 8 -29.79 9.00 24.03
N HIS D 9 -29.53 9.00 22.72
CA HIS D 9 -28.76 7.93 22.06
C HIS D 9 -27.48 8.51 21.44
N HIS D 10 -26.51 7.66 21.12
CA HIS D 10 -25.25 8.11 20.51
C HIS D 10 -25.02 7.58 19.09
N SER D 11 -25.95 6.77 18.58
CA SER D 11 -25.78 6.15 17.27
C SER D 11 -27.06 5.43 16.91
N VAL D 12 -27.14 4.96 15.67
CA VAL D 12 -28.26 4.17 15.20
C VAL D 12 -27.73 2.88 14.64
N THR D 13 -28.37 1.78 15.04
CA THR D 13 -28.12 0.46 14.48
C THR D 13 -29.21 0.14 13.44
N GLY D 14 -28.82 0.07 12.18
CA GLY D 14 -29.70 -0.26 11.08
C GLY D 14 -29.60 -1.75 10.76
N ARG D 15 -30.60 -2.50 11.16
CA ARG D 15 -30.55 -3.97 11.09
C ARG D 15 -31.51 -4.54 10.05
N PRO D 16 -31.00 -5.11 8.97
CA PRO D 16 -31.88 -5.66 7.92
C PRO D 16 -32.80 -6.74 8.50
N SER D 17 -34.09 -6.68 8.20
CA SER D 17 -35.06 -7.66 8.69
C SER D 17 -35.59 -8.62 7.61
N VAL D 18 -35.26 -8.37 6.35
CA VAL D 18 -35.73 -9.24 5.23
C VAL D 18 -34.62 -10.18 4.74
N ASN D 19 -33.45 -9.63 4.44
CA ASN D 19 -32.33 -10.49 4.06
C ASN D 19 -31.64 -11.08 5.30
N GLY D 20 -31.83 -12.37 5.53
CA GLY D 20 -31.37 -12.99 6.76
C GLY D 20 -29.86 -13.10 6.84
N LEU D 21 -29.18 -12.94 5.71
CA LEU D 21 -27.73 -13.01 5.64
C LEU D 21 -27.02 -11.67 5.65
N ALA D 22 -27.79 -10.59 5.67
CA ALA D 22 -27.28 -9.22 5.66
C ALA D 22 -26.98 -8.78 7.08
N LEU D 23 -25.75 -8.34 7.33
CA LEU D 23 -25.40 -7.84 8.66
C LEU D 23 -25.80 -6.37 8.82
N ALA D 24 -25.53 -5.79 9.99
CA ALA D 24 -26.02 -4.44 10.29
C ALA D 24 -25.16 -3.36 9.71
N GLU D 25 -25.80 -2.19 9.60
CA GLU D 25 -25.12 -0.92 9.36
C GLU D 25 -25.31 -0.04 10.59
N TYR D 26 -24.34 0.81 10.86
CA TYR D 26 -24.32 1.66 12.02
C TYR D 26 -24.00 3.08 11.57
N VAL D 27 -24.65 4.02 12.23
CA VAL D 27 -24.54 5.42 11.92
C VAL D 27 -24.20 6.17 13.18
N ILE D 28 -23.17 7.00 13.03
CA ILE D 28 -22.83 7.99 14.01
C ILE D 28 -23.02 9.41 13.49
N TYR D 29 -23.25 10.34 14.40
CA TYR D 29 -23.53 11.73 14.00
C TYR D 29 -22.44 12.72 14.45
N ARG D 30 -21.34 12.18 14.94
CA ARG D 30 -20.18 12.98 15.34
C ARG D 30 -18.99 12.27 14.80
N GLY D 31 -18.14 12.94 14.04
CA GLY D 31 -16.96 12.29 13.48
C GLY D 31 -15.89 11.87 14.50
N GLU D 32 -15.90 12.49 15.69
CA GLU D 32 -14.97 12.08 16.74
C GLU D 32 -15.30 10.68 17.32
N GLN D 33 -16.46 10.11 16.97
CA GLN D 33 -16.83 8.75 17.44
C GLN D 33 -16.30 7.58 16.62
N ALA D 34 -15.44 7.86 15.65
CA ALA D 34 -14.75 6.83 14.93
C ALA D 34 -13.23 7.14 14.70
N TYR D 35 -12.41 6.08 14.70
CA TYR D 35 -11.00 6.25 14.44
C TYR D 35 -10.61 5.24 13.40
N PRO D 36 -10.00 5.69 12.29
CA PRO D 36 -9.71 4.81 11.17
C PRO D 36 -8.45 4.02 11.42
N GLU D 37 -8.57 2.87 12.02
CA GLU D 37 -7.45 2.15 12.54
C GLU D 37 -6.60 1.38 11.52
N TYR D 38 -7.24 0.76 10.52
CA TYR D 38 -6.54 0.06 9.45
C TYR D 38 -6.96 0.55 8.07
N LEU D 39 -5.97 0.70 7.19
CA LEU D 39 -6.18 1.03 5.75
C LEU D 39 -5.85 -0.22 4.93
N ILE D 40 -6.83 -0.74 4.17
CA ILE D 40 -6.72 -2.05 3.51
C ILE D 40 -6.81 -1.82 2.02
N THR D 41 -5.79 -2.25 1.29
CA THR D 41 -5.70 -2.13 -0.18
C THR D 41 -5.91 -3.50 -0.78
N TYR D 42 -6.83 -3.58 -1.74
CA TYR D 42 -7.32 -4.86 -2.25
C TYR D 42 -7.87 -4.76 -3.66
N GLN D 43 -8.03 -5.92 -4.29
CA GLN D 43 -8.82 -6.07 -5.51
C GLN D 43 -9.98 -7.01 -5.20
N ILE D 44 -11.13 -6.83 -5.86
CA ILE D 44 -12.15 -7.86 -5.87
C ILE D 44 -11.71 -8.94 -6.86
N MET D 45 -12.06 -10.20 -6.62
CA MET D 45 -11.61 -11.29 -7.51
C MET D 45 -12.75 -11.85 -8.36
N ARG D 46 -12.54 -11.98 -9.66
CA ARG D 46 -13.54 -12.61 -10.55
C ARG D 46 -13.79 -14.07 -10.16
N PRO D 47 -15.08 -14.46 -9.95
CA PRO D 47 -15.37 -15.88 -9.68
C PRO D 47 -14.98 -16.78 -10.85
N GLU D 48 -14.68 -18.04 -10.60
CA GLU D 48 -14.18 -18.96 -11.64
C GLU D 48 -15.26 -19.76 -12.31
CAB 1V3 E . 13.60 -4.16 -3.45
CAD 1V3 E . 13.25 -2.88 -3.89
OAI 1V3 E . 14.07 -2.09 -4.34
CAC 1V3 E . 11.90 -2.61 -3.95
CAG 1V3 E . 11.48 -1.51 -4.68
CAK 1V3 E . 10.08 -1.29 -4.77
CL1 1V3 E . 9.51 -0.04 -5.58
CAL 1V3 E . 9.11 -2.13 -4.18
CAJ 1V3 E . 9.54 -3.26 -3.49
CAF 1V3 E . 10.91 -3.50 -3.40
OAE 1V3 E . 11.30 -4.62 -2.76
CAA 1V3 E . 12.63 -5.03 -2.88
CAH 1V3 E . 12.86 -6.35 -2.40
CAN 1V3 E . 14.15 -6.90 -2.18
CAP 1V3 E . 14.31 -8.21 -1.75
CAR 1V3 E . 13.20 -9.02 -1.48
CAQ 1V3 E . 11.91 -8.51 -1.66
CAO 1V3 E . 11.75 -7.19 -2.12
ZN ZN F . 23.61 -0.52 13.09
S SO4 G . 5.51 5.11 0.80
O1 SO4 G . 4.38 4.40 1.40
O2 SO4 G . 6.76 4.37 0.79
O3 SO4 G . 5.09 5.16 -0.61
O4 SO4 G . 5.58 6.56 1.14
S SO4 H . 19.70 17.46 6.71
O1 SO4 H . 20.60 16.31 6.43
O2 SO4 H . 18.34 16.90 6.85
O3 SO4 H . 19.78 18.39 5.59
O4 SO4 H . 19.97 18.12 8.03
C1 GOL I . -0.84 11.19 -7.76
O1 GOL I . 0.34 10.69 -7.10
C2 GOL I . -0.67 12.69 -8.06
O2 GOL I . -1.15 13.49 -6.95
C3 GOL I . -1.36 13.06 -9.38
O3 GOL I . -2.78 13.23 -9.25
ZN ZN J . -10.24 -0.23 -13.32
S SO4 K . -28.04 -5.02 -0.73
O1 SO4 K . -28.24 -6.47 -0.62
O2 SO4 K . -26.93 -4.53 0.06
O3 SO4 K . -27.55 -4.79 -2.11
O4 SO4 K . -29.22 -4.20 -0.65
S SO4 L . -14.32 -18.02 -6.43
O1 SO4 L . -13.83 -18.76 -7.63
O2 SO4 L . -14.11 -18.76 -5.18
O3 SO4 L . -13.64 -16.69 -6.28
O4 SO4 L . -15.75 -17.86 -6.71
#